data_20GS
#
_entry.id   20GS
#
_cell.length_a   78.176
_cell.length_b   90.690
_cell.length_c   68.755
_cell.angle_alpha   90.00
_cell.angle_beta   97.73
_cell.angle_gamma   90.00
#
_symmetry.space_group_name_H-M   'C 1 2 1'
#
loop_
_entity.id
_entity.type
_entity.pdbx_description
1 polymer 'GLUTATHIONE S-TRANSFERASE'
2 non-polymer '2-(N-MORPHOLINO)-ETHANESULFONIC ACID'
3 non-polymer 'CIBACRON BLUE'
4 water water
#
_entity_poly.entity_id   1
_entity_poly.type   'polypeptide(L)'
_entity_poly.pdbx_seq_one_letter_code
;PPYTVVYFPVRGRCAALRMLLADQGQSWKEEVVTVETWQEGSLKASCLYGQLPKFQDGDLTLYQSNTILRHLGRTLGLYG
KDQQEAALVDMVNDGVEDLRCKYISLIYTNYEAGKDDYVKALPGQLKPFETLLSQNQGGKTFIVGDQISFADYNLLDLLL
IHEVLAPGCLDAFPLLSAYVGRLSARPKLKAFLASPEYVNLPINGNGKQ
;
_entity_poly.pdbx_strand_id   A,B
#
loop_
_chem_comp.id
_chem_comp.type
_chem_comp.name
_chem_comp.formula
CBD non-polymer 'CIBACRON BLUE' 'C29 H20 Cl N7 O11 S3'
MES non-polymer '2-(N-MORPHOLINO)-ETHANESULFONIC ACID' 'C6 H13 N O4 S'
#
# COMPACT_ATOMS: atom_id res chain seq x y z
N PRO A 2 -8.47 -17.47 17.30
CA PRO A 2 -9.35 -16.73 16.36
C PRO A 2 -8.51 -16.27 15.17
N TYR A 3 -7.20 -16.35 15.34
CA TYR A 3 -6.31 -15.91 14.27
C TYR A 3 -5.64 -17.08 13.58
N THR A 4 -5.49 -16.98 12.28
CA THR A 4 -4.86 -18.01 11.51
C THR A 4 -4.17 -17.38 10.32
N VAL A 5 -2.90 -17.71 10.09
CA VAL A 5 -2.21 -17.18 8.95
C VAL A 5 -1.81 -18.35 8.05
N VAL A 6 -2.11 -18.20 6.77
CA VAL A 6 -1.82 -19.23 5.77
C VAL A 6 -0.74 -18.67 4.86
N TYR A 7 0.46 -19.23 4.91
CA TYR A 7 1.56 -18.74 4.10
C TYR A 7 2.54 -19.87 3.79
N PHE A 8 3.50 -19.60 2.92
CA PHE A 8 4.53 -20.57 2.56
C PHE A 8 5.47 -20.74 3.76
N PRO A 9 6.33 -21.76 3.75
CA PRO A 9 7.23 -21.91 4.89
C PRO A 9 8.41 -20.94 4.85
N VAL A 10 8.12 -19.64 4.86
CA VAL A 10 9.14 -18.58 4.87
C VAL A 10 8.65 -17.43 5.75
N ARG A 11 9.52 -16.48 6.04
CA ARG A 11 9.13 -15.32 6.84
C ARG A 11 8.46 -14.30 5.93
N GLY A 12 9.19 -13.89 4.89
CA GLY A 12 8.68 -12.95 3.93
C GLY A 12 7.74 -11.89 4.46
N ARG A 13 6.61 -11.72 3.79
CA ARG A 13 5.61 -10.74 4.18
C ARG A 13 4.79 -11.12 5.41
N CYS A 14 5.16 -12.19 6.10
CA CYS A 14 4.41 -12.58 7.28
C CYS A 14 5.21 -12.32 8.53
N ALA A 15 6.52 -12.13 8.36
CA ALA A 15 7.40 -11.87 9.49
C ALA A 15 6.90 -10.77 10.40
N ALA A 16 6.58 -9.62 9.81
CA ALA A 16 6.09 -8.46 10.56
C ALA A 16 4.83 -8.68 11.36
N LEU A 17 3.78 -9.18 10.72
CA LEU A 17 2.52 -9.43 11.42
C LEU A 17 2.69 -10.48 12.50
N ARG A 18 3.66 -11.38 12.32
CA ARG A 18 3.92 -12.43 13.30
C ARG A 18 4.58 -11.80 14.53
N MET A 19 5.45 -10.82 14.29
CA MET A 19 6.13 -10.10 15.37
C MET A 19 5.10 -9.31 16.14
N LEU A 20 4.11 -8.79 15.40
CA LEU A 20 3.04 -8.00 15.98
C LEU A 20 2.19 -8.82 16.95
N LEU A 21 1.76 -10.00 16.52
CA LEU A 21 0.93 -10.85 17.38
C LEU A 21 1.74 -11.40 18.55
N ALA A 22 2.97 -11.79 18.28
CA ALA A 22 3.84 -12.27 19.35
C ALA A 22 3.96 -11.21 20.43
N ASP A 23 4.58 -10.08 20.07
CA ASP A 23 4.79 -8.95 20.97
C ASP A 23 3.52 -8.49 21.67
N GLN A 24 2.39 -8.58 20.99
CA GLN A 24 1.13 -8.16 21.58
C GLN A 24 0.58 -9.25 22.49
N GLY A 25 1.20 -10.42 22.42
CA GLY A 25 0.77 -11.54 23.24
C GLY A 25 -0.51 -12.16 22.76
N GLN A 26 -0.62 -12.38 21.45
CA GLN A 26 -1.83 -12.98 20.86
C GLN A 26 -1.56 -14.39 20.32
N SER A 27 -2.61 -15.21 20.36
CA SER A 27 -2.54 -16.60 19.90
C SER A 27 -3.00 -16.68 18.47
N TRP A 28 -2.31 -17.50 17.69
CA TRP A 28 -2.70 -17.68 16.30
C TRP A 28 -2.24 -19.04 15.88
N LYS A 29 -2.88 -19.58 14.85
CA LYS A 29 -2.51 -20.89 14.35
C LYS A 29 -1.89 -20.66 12.99
N GLU A 30 -0.90 -21.46 12.65
CA GLU A 30 -0.24 -21.32 11.37
C GLU A 30 -0.64 -22.44 10.43
N GLU A 31 -0.94 -22.10 9.19
CA GLU A 31 -1.29 -23.12 8.23
C GLU A 31 -0.27 -22.97 7.13
N VAL A 32 0.69 -23.88 7.12
CA VAL A 32 1.76 -23.87 6.14
C VAL A 32 1.25 -24.34 4.78
N VAL A 33 1.65 -23.64 3.71
CA VAL A 33 1.25 -24.05 2.38
C VAL A 33 2.52 -24.53 1.71
N THR A 34 2.45 -25.73 1.13
CA THR A 34 3.59 -26.35 0.51
C THR A 34 3.63 -26.13 -1.00
N VAL A 35 4.84 -26.02 -1.52
CA VAL A 35 5.06 -25.79 -2.93
C VAL A 35 4.21 -26.70 -3.81
N GLU A 36 3.67 -27.77 -3.22
CA GLU A 36 2.85 -28.74 -3.97
C GLU A 36 1.37 -28.39 -3.91
N THR A 37 0.90 -28.01 -2.73
CA THR A 37 -0.51 -27.66 -2.58
C THR A 37 -0.79 -26.46 -3.48
N TRP A 38 0.00 -25.41 -3.31
CA TRP A 38 -0.15 -24.20 -4.10
C TRP A 38 -0.35 -24.63 -5.53
N GLN A 39 0.73 -25.15 -6.11
CA GLN A 39 0.73 -25.59 -7.50
C GLN A 39 -0.35 -26.60 -7.84
N GLU A 40 -1.16 -27.00 -6.87
CA GLU A 40 -2.22 -27.94 -7.19
C GLU A 40 -3.23 -27.08 -7.97
N GLY A 41 -3.29 -25.79 -7.61
CA GLY A 41 -4.21 -24.86 -8.25
C GLY A 41 -5.39 -24.50 -7.37
N SER A 42 -5.78 -25.43 -6.50
CA SER A 42 -6.92 -25.26 -5.59
C SER A 42 -6.83 -24.03 -4.69
N LEU A 43 -5.71 -23.88 -4.00
CA LEU A 43 -5.51 -22.72 -3.14
C LEU A 43 -5.47 -21.44 -3.97
N LYS A 44 -4.41 -21.24 -4.74
CA LYS A 44 -4.29 -20.05 -5.56
C LYS A 44 -5.65 -19.61 -6.08
N ALA A 45 -6.34 -20.53 -6.74
CA ALA A 45 -7.66 -20.27 -7.30
C ALA A 45 -8.64 -19.64 -6.30
N SER A 46 -8.54 -20.00 -5.03
CA SER A 46 -9.46 -19.46 -4.02
C SER A 46 -9.00 -18.12 -3.46
N CYS A 47 -7.72 -17.82 -3.63
CA CYS A 47 -7.16 -16.58 -3.10
C CYS A 47 -7.56 -15.38 -3.98
N LEU A 48 -8.33 -14.46 -3.40
CA LEU A 48 -8.82 -13.28 -4.11
C LEU A 48 -7.88 -12.80 -5.21
N TYR A 49 -6.61 -12.60 -4.88
CA TYR A 49 -5.63 -12.15 -5.87
C TYR A 49 -4.70 -13.29 -6.26
N GLY A 50 -5.09 -14.51 -5.88
CA GLY A 50 -4.29 -15.69 -6.20
C GLY A 50 -2.96 -15.62 -5.50
N GLN A 51 -2.95 -15.06 -4.30
CA GLN A 51 -1.70 -14.93 -3.58
C GLN A 51 -1.87 -15.06 -2.07
N LEU A 52 -0.77 -15.42 -1.41
CA LEU A 52 -0.74 -15.57 0.04
C LEU A 52 0.12 -14.39 0.49
N PRO A 53 0.05 -14.02 1.78
CA PRO A 53 -0.74 -14.57 2.88
C PRO A 53 -2.25 -14.37 2.85
N LYS A 54 -2.92 -15.28 3.55
CA LYS A 54 -4.35 -15.27 3.71
C LYS A 54 -4.41 -15.28 5.23
N PHE A 55 -5.35 -14.54 5.80
CA PHE A 55 -5.46 -14.47 7.24
C PHE A 55 -6.91 -14.63 7.62
N GLN A 56 -7.16 -15.23 8.78
CA GLN A 56 -8.53 -15.42 9.19
C GLN A 56 -8.73 -14.93 10.60
N ASP A 57 -9.77 -14.11 10.75
CA ASP A 57 -10.14 -13.55 12.03
C ASP A 57 -11.60 -13.93 12.20
N GLY A 58 -11.85 -15.06 12.84
CA GLY A 58 -13.22 -15.51 12.99
C GLY A 58 -13.59 -15.84 11.56
N ASP A 59 -14.80 -15.48 11.13
CA ASP A 59 -15.17 -15.77 9.75
C ASP A 59 -14.69 -14.71 8.79
N LEU A 60 -13.85 -13.80 9.29
CA LEU A 60 -13.29 -12.72 8.47
C LEU A 60 -12.00 -13.20 7.83
N THR A 61 -11.97 -13.15 6.52
CA THR A 61 -10.83 -13.59 5.75
C THR A 61 -10.18 -12.39 5.05
N LEU A 62 -8.88 -12.22 5.27
CA LEU A 62 -8.13 -11.11 4.66
C LEU A 62 -6.94 -11.61 3.85
N TYR A 63 -6.59 -10.86 2.81
CA TYR A 63 -5.43 -11.17 1.96
C TYR A 63 -4.63 -9.87 1.98
N GLN A 64 -3.39 -9.93 1.52
CA GLN A 64 -2.50 -8.76 1.48
C GLN A 64 -1.95 -8.44 2.87
N SER A 65 -0.63 -8.45 3.00
CA SER A 65 0.06 -8.21 4.26
C SER A 65 -0.31 -6.92 4.96
N ASN A 66 -0.38 -5.84 4.20
CA ASN A 66 -0.68 -4.54 4.82
C ASN A 66 -2.12 -4.43 5.29
N THR A 67 -3.01 -5.16 4.63
CA THR A 67 -4.40 -5.14 5.06
C THR A 67 -4.48 -5.83 6.40
N ILE A 68 -3.72 -6.93 6.56
CA ILE A 68 -3.70 -7.66 7.80
C ILE A 68 -3.05 -6.80 8.88
N LEU A 69 -1.92 -6.19 8.54
CA LEU A 69 -1.23 -5.35 9.51
C LEU A 69 -2.13 -4.23 10.01
N ARG A 70 -2.80 -3.55 9.08
CA ARG A 70 -3.68 -2.46 9.49
C ARG A 70 -4.83 -2.99 10.32
N HIS A 71 -5.34 -4.15 9.94
CA HIS A 71 -6.43 -4.75 10.67
C HIS A 71 -6.05 -4.99 12.11
N LEU A 72 -4.90 -5.64 12.30
CA LEU A 72 -4.44 -5.91 13.66
C LEU A 72 -4.25 -4.59 14.40
N GLY A 73 -3.65 -3.61 13.70
CA GLY A 73 -3.42 -2.30 14.30
C GLY A 73 -4.71 -1.65 14.75
N ARG A 74 -5.71 -1.71 13.88
CA ARG A 74 -7.03 -1.14 14.17
C ARG A 74 -7.72 -1.83 15.34
N THR A 75 -7.71 -3.17 15.34
CA THR A 75 -8.39 -3.92 16.40
C THR A 75 -7.62 -4.05 17.70
N LEU A 76 -6.29 -4.04 17.62
CA LEU A 76 -5.45 -4.17 18.81
C LEU A 76 -5.02 -2.83 19.42
N GLY A 77 -5.32 -1.73 18.73
CA GLY A 77 -4.96 -0.42 19.22
C GLY A 77 -3.52 0.02 18.95
N LEU A 78 -3.01 -0.31 17.76
CA LEU A 78 -1.64 0.04 17.38
C LEU A 78 -1.72 0.86 16.10
N TYR A 79 -2.50 1.93 16.14
CA TYR A 79 -2.70 2.78 14.97
C TYR A 79 -2.70 4.28 15.30
N GLY A 80 -1.82 4.69 16.20
CA GLY A 80 -1.75 6.09 16.57
C GLY A 80 -2.80 6.42 17.60
N LYS A 81 -2.65 7.56 18.29
CA LYS A 81 -3.63 7.93 19.31
C LYS A 81 -4.74 8.81 18.78
N ASP A 82 -4.61 9.22 17.52
CA ASP A 82 -5.63 10.03 16.88
C ASP A 82 -5.47 9.97 15.38
N GLN A 83 -6.42 10.56 14.66
CA GLN A 83 -6.38 10.51 13.21
C GLN A 83 -5.07 10.99 12.61
N GLN A 84 -4.50 12.01 13.24
CA GLN A 84 -3.25 12.62 12.80
C GLN A 84 -2.12 11.60 12.81
N GLU A 85 -1.97 10.90 13.94
CA GLU A 85 -0.92 9.88 14.08
C GLU A 85 -1.21 8.71 13.16
N ALA A 86 -2.49 8.43 12.97
CA ALA A 86 -2.90 7.34 12.12
C ALA A 86 -2.41 7.59 10.72
N ALA A 87 -2.53 8.84 10.26
CA ALA A 87 -2.09 9.22 8.92
C ALA A 87 -0.57 9.13 8.76
N LEU A 88 0.16 9.38 9.85
CA LEU A 88 1.61 9.32 9.80
C LEU A 88 2.08 7.89 9.88
N VAL A 89 1.36 7.08 10.65
CA VAL A 89 1.65 5.66 10.78
C VAL A 89 1.53 5.09 9.37
N ASP A 90 0.45 5.46 8.70
CA ASP A 90 0.17 5.04 7.34
C ASP A 90 1.33 5.44 6.43
N MET A 91 1.66 6.72 6.43
CA MET A 91 2.76 7.25 5.63
C MET A 91 4.02 6.44 5.79
N VAL A 92 4.32 6.05 7.02
CA VAL A 92 5.52 5.25 7.26
C VAL A 92 5.39 3.88 6.65
N ASN A 93 4.23 3.25 6.78
CA ASN A 93 4.06 1.90 6.22
C ASN A 93 4.19 1.89 4.70
N ASP A 94 3.64 2.89 4.02
CA ASP A 94 3.76 2.96 2.57
C ASP A 94 5.23 3.04 2.17
N GLY A 95 5.98 3.84 2.90
CA GLY A 95 7.40 3.96 2.60
C GLY A 95 8.08 2.63 2.80
N VAL A 96 7.78 1.98 3.93
CA VAL A 96 8.36 0.68 4.26
C VAL A 96 8.04 -0.27 3.12
N GLU A 97 6.77 -0.30 2.74
CA GLU A 97 6.32 -1.17 1.67
C GLU A 97 7.02 -0.86 0.36
N ASP A 98 7.36 0.41 0.14
CA ASP A 98 8.02 0.82 -1.09
C ASP A 98 9.41 0.23 -1.19
N LEU A 99 10.14 0.23 -0.08
CA LEU A 99 11.47 -0.33 -0.07
C LEU A 99 11.35 -1.87 -0.09
N ARG A 100 10.36 -2.40 0.62
CA ARG A 100 10.18 -3.86 0.64
C ARG A 100 9.94 -4.32 -0.76
N CYS A 101 9.15 -3.54 -1.49
CA CYS A 101 8.84 -3.88 -2.86
C CYS A 101 10.08 -3.98 -3.75
N LYS A 102 11.05 -3.07 -3.58
CA LYS A 102 12.27 -3.13 -4.38
C LYS A 102 13.18 -4.24 -3.88
N TYR A 103 13.13 -4.49 -2.58
CA TYR A 103 13.94 -5.53 -1.98
C TYR A 103 13.57 -6.83 -2.63
N ILE A 104 12.26 -7.12 -2.63
CA ILE A 104 11.75 -8.35 -3.19
C ILE A 104 12.13 -8.48 -4.65
N SER A 105 12.16 -7.36 -5.35
CA SER A 105 12.55 -7.36 -6.76
C SER A 105 14.02 -7.72 -6.90
N LEU A 106 14.84 -7.30 -5.94
CA LEU A 106 16.25 -7.63 -6.05
C LEU A 106 16.36 -9.14 -5.92
N ILE A 107 15.87 -9.64 -4.79
CA ILE A 107 15.93 -11.06 -4.47
C ILE A 107 15.43 -12.04 -5.53
N TYR A 108 14.24 -11.78 -6.08
CA TYR A 108 13.67 -12.68 -7.10
C TYR A 108 13.89 -12.31 -8.57
N THR A 109 14.47 -11.14 -8.86
CA THR A 109 14.66 -10.74 -10.27
C THR A 109 16.10 -10.65 -10.75
N ASN A 110 16.95 -9.95 -10.02
CA ASN A 110 18.34 -9.83 -10.43
C ASN A 110 19.17 -9.63 -9.21
N TYR A 111 19.29 -10.68 -8.42
CA TYR A 111 20.06 -10.61 -7.20
C TYR A 111 21.53 -10.44 -7.50
N GLU A 112 22.13 -11.49 -8.04
CA GLU A 112 23.57 -11.48 -8.32
C GLU A 112 24.04 -10.28 -9.11
N ALA A 113 23.24 -9.89 -10.10
CA ALA A 113 23.61 -8.76 -10.96
C ALA A 113 23.23 -7.37 -10.48
N GLY A 114 22.30 -7.25 -9.53
CA GLY A 114 21.91 -5.92 -9.08
C GLY A 114 22.18 -5.62 -7.63
N LYS A 115 22.79 -6.57 -6.93
CA LYS A 115 23.08 -6.43 -5.52
C LYS A 115 23.92 -5.22 -5.18
N ASP A 116 25.01 -4.98 -5.91
CA ASP A 116 25.89 -3.83 -5.65
C ASP A 116 25.20 -2.47 -5.78
N ASP A 117 24.52 -2.26 -6.89
CA ASP A 117 23.80 -1.02 -7.12
C ASP A 117 22.75 -0.82 -6.01
N TYR A 118 22.11 -1.91 -5.60
CA TYR A 118 21.10 -1.83 -4.56
C TYR A 118 21.66 -1.40 -3.22
N VAL A 119 22.78 -2.00 -2.83
CA VAL A 119 23.36 -1.64 -1.56
C VAL A 119 23.88 -0.21 -1.63
N LYS A 120 24.43 0.15 -2.79
CA LYS A 120 24.93 1.49 -2.99
C LYS A 120 23.79 2.47 -2.79
N ALA A 121 22.61 2.13 -3.31
CA ALA A 121 21.45 3.01 -3.19
C ALA A 121 20.71 2.88 -1.87
N LEU A 122 21.12 1.94 -1.03
CA LEU A 122 20.44 1.74 0.23
C LEU A 122 20.40 2.94 1.17
N PRO A 123 21.56 3.55 1.46
CA PRO A 123 21.56 4.71 2.38
C PRO A 123 20.48 5.70 1.97
N GLY A 124 20.48 6.04 0.69
CA GLY A 124 19.50 6.98 0.19
C GLY A 124 18.09 6.55 0.56
N GLN A 125 17.90 5.26 0.73
CA GLN A 125 16.59 4.71 1.06
C GLN A 125 16.31 4.65 2.57
N LEU A 126 17.35 4.52 3.38
CA LEU A 126 17.16 4.45 4.83
C LEU A 126 17.05 5.81 5.49
N LYS A 127 17.63 6.82 4.85
CA LYS A 127 17.60 8.18 5.40
C LYS A 127 16.24 8.71 5.86
N PRO A 128 15.20 8.61 5.00
CA PRO A 128 13.89 9.12 5.41
C PRO A 128 13.36 8.62 6.74
N PHE A 129 13.68 7.37 7.09
CA PHE A 129 13.20 6.81 8.35
C PHE A 129 14.03 7.30 9.51
N GLU A 130 15.31 7.55 9.26
CA GLU A 130 16.19 8.07 10.30
C GLU A 130 15.70 9.50 10.60
N THR A 131 15.39 10.23 9.53
CA THR A 131 14.90 11.60 9.64
C THR A 131 13.59 11.64 10.39
N LEU A 132 12.70 10.69 10.09
CA LEU A 132 11.40 10.63 10.76
C LEU A 132 11.62 10.42 12.23
N LEU A 133 12.56 9.55 12.55
CA LEU A 133 12.91 9.21 13.93
C LEU A 133 13.41 10.44 14.71
N SER A 134 14.34 11.19 14.13
CA SER A 134 14.88 12.37 14.80
C SER A 134 13.81 13.41 15.14
N GLN A 135 12.73 13.46 14.36
CA GLN A 135 11.67 14.42 14.63
C GLN A 135 10.62 13.96 15.63
N ASN A 136 10.79 12.77 16.20
CA ASN A 136 9.86 12.26 17.20
C ASN A 136 10.70 11.99 18.43
N GLN A 137 10.47 12.76 19.48
CA GLN A 137 11.23 12.62 20.72
C GLN A 137 12.66 12.17 20.50
N GLY A 138 13.31 12.73 19.49
CA GLY A 138 14.69 12.39 19.20
C GLY A 138 15.00 10.94 18.92
N GLY A 139 14.03 10.24 18.32
CA GLY A 139 14.22 8.83 17.98
C GLY A 139 14.41 7.96 19.21
N LYS A 140 13.71 8.32 20.29
CA LYS A 140 13.82 7.60 21.55
C LYS A 140 12.68 6.64 21.86
N THR A 141 11.54 6.82 21.20
CA THR A 141 10.39 5.93 21.43
C THR A 141 10.07 5.05 20.23
N PHE A 142 9.09 5.48 19.45
CA PHE A 142 8.65 4.72 18.28
C PHE A 142 8.69 5.58 17.04
N ILE A 143 8.33 5.03 15.89
CA ILE A 143 8.38 5.80 14.66
C ILE A 143 7.29 6.88 14.54
N VAL A 144 6.24 6.77 15.34
CA VAL A 144 5.16 7.75 15.33
C VAL A 144 4.53 7.74 16.71
N GLY A 145 4.38 8.91 17.31
CA GLY A 145 3.78 8.98 18.63
C GLY A 145 4.64 8.32 19.69
N ASP A 146 4.09 8.19 20.90
CA ASP A 146 4.84 7.58 21.98
C ASP A 146 4.36 6.17 22.32
N GLN A 147 3.61 5.58 21.41
CA GLN A 147 3.12 4.22 21.58
C GLN A 147 3.42 3.49 20.28
N ILE A 148 3.66 2.18 20.39
CA ILE A 148 4.00 1.37 19.23
C ILE A 148 2.83 1.24 18.26
N SER A 149 3.14 1.02 16.98
CA SER A 149 2.11 0.88 15.96
C SER A 149 2.55 -0.19 14.99
N PHE A 150 1.61 -0.69 14.19
CA PHE A 150 1.94 -1.74 13.22
C PHE A 150 3.10 -1.36 12.31
N ALA A 151 3.27 -0.06 12.07
CA ALA A 151 4.36 0.39 11.19
C ALA A 151 5.72 0.10 11.84
N ASP A 152 5.74 0.11 13.16
CA ASP A 152 6.95 -0.18 13.93
C ASP A 152 7.41 -1.59 13.60
N TYR A 153 6.49 -2.54 13.71
CA TYR A 153 6.81 -3.92 13.44
C TYR A 153 7.24 -4.10 12.00
N ASN A 154 6.53 -3.47 11.08
CA ASN A 154 6.88 -3.58 9.68
C ASN A 154 8.24 -2.96 9.36
N LEU A 155 8.57 -1.86 10.02
CA LEU A 155 9.87 -1.23 9.78
C LEU A 155 10.98 -2.07 10.39
N LEU A 156 10.79 -2.50 11.63
CA LEU A 156 11.78 -3.33 12.29
C LEU A 156 12.15 -4.52 11.41
N ASP A 157 11.15 -5.13 10.78
CA ASP A 157 11.45 -6.27 9.93
C ASP A 157 12.30 -5.85 8.76
N LEU A 158 11.87 -4.80 8.08
CA LEU A 158 12.57 -4.25 6.93
C LEU A 158 14.04 -3.98 7.26
N LEU A 159 14.27 -3.35 8.39
CA LEU A 159 15.63 -3.04 8.80
C LEU A 159 16.34 -4.34 9.01
N LEU A 160 15.77 -5.22 9.84
CA LEU A 160 16.35 -6.52 10.14
C LEU A 160 16.79 -7.31 8.91
N ILE A 161 15.93 -7.42 7.89
CA ILE A 161 16.32 -8.17 6.70
C ILE A 161 17.34 -7.47 5.82
N HIS A 162 17.51 -6.18 5.96
CA HIS A 162 18.49 -5.50 5.14
C HIS A 162 19.83 -5.66 5.81
N GLU A 163 19.81 -5.76 7.14
CA GLU A 163 21.02 -5.95 7.91
C GLU A 163 21.67 -7.26 7.49
N VAL A 164 20.86 -8.19 7.01
CA VAL A 164 21.38 -9.49 6.57
C VAL A 164 21.78 -9.40 5.11
N LEU A 165 21.18 -8.45 4.39
CA LEU A 165 21.47 -8.27 2.97
C LEU A 165 22.76 -7.47 2.80
N ALA A 166 22.91 -6.45 3.63
CA ALA A 166 24.07 -5.57 3.60
C ALA A 166 24.46 -5.26 5.05
N PRO A 167 25.08 -6.23 5.71
CA PRO A 167 25.49 -6.02 7.10
C PRO A 167 26.14 -4.64 7.32
N GLY A 168 25.88 -4.03 8.48
CA GLY A 168 26.46 -2.74 8.81
C GLY A 168 25.74 -1.56 8.19
N CYS A 169 24.88 -1.84 7.21
CA CYS A 169 24.14 -0.81 6.52
C CYS A 169 23.41 0.10 7.50
N LEU A 170 23.46 -0.24 8.78
CA LEU A 170 22.79 0.59 9.76
C LEU A 170 23.78 1.32 10.64
N ASP A 171 25.05 1.23 10.28
CA ASP A 171 26.13 1.89 11.02
C ASP A 171 26.16 3.40 10.72
N ALA A 172 25.47 3.76 9.66
CA ALA A 172 25.36 5.13 9.20
C ALA A 172 24.12 5.77 9.79
N PHE A 173 23.30 4.96 10.47
CA PHE A 173 22.06 5.47 11.06
C PHE A 173 21.91 5.06 12.50
N PRO A 174 22.45 5.90 13.41
CA PRO A 174 22.41 5.67 14.87
C PRO A 174 21.03 5.64 15.53
N LEU A 175 20.06 6.33 14.93
CA LEU A 175 18.71 6.33 15.50
C LEU A 175 18.01 5.03 15.07
N LEU A 176 18.24 4.61 13.83
CA LEU A 176 17.65 3.38 13.34
C LEU A 176 18.25 2.23 14.11
N SER A 177 19.57 2.26 14.29
CA SER A 177 20.30 1.21 15.01
C SER A 177 19.78 1.04 16.42
N ALA A 178 19.67 2.14 17.16
CA ALA A 178 19.18 2.09 18.53
C ALA A 178 17.72 1.63 18.57
N TYR A 179 16.97 1.96 17.52
CA TYR A 179 15.57 1.61 17.39
C TYR A 179 15.44 0.08 17.21
N VAL A 180 16.30 -0.48 16.37
CA VAL A 180 16.30 -1.91 16.15
C VAL A 180 16.65 -2.67 17.42
N GLY A 181 17.61 -2.16 18.19
CA GLY A 181 18.01 -2.82 19.41
C GLY A 181 16.99 -2.69 20.51
N ARG A 182 16.34 -1.54 20.56
CA ARG A 182 15.34 -1.29 21.60
C ARG A 182 14.09 -2.14 21.44
N LEU A 183 13.59 -2.24 20.22
CA LEU A 183 12.40 -3.02 19.94
C LEU A 183 12.70 -4.52 20.02
N SER A 184 13.85 -4.90 19.46
CA SER A 184 14.28 -6.29 19.47
C SER A 184 14.44 -6.84 20.87
N ALA A 185 14.49 -5.94 21.85
CA ALA A 185 14.69 -6.36 23.24
C ALA A 185 13.38 -6.49 24.01
N ARG A 186 12.27 -6.19 23.37
CA ARG A 186 11.00 -6.31 24.06
C ARG A 186 10.82 -7.78 24.41
N PRO A 187 10.55 -8.08 25.69
CA PRO A 187 10.35 -9.43 26.21
C PRO A 187 9.79 -10.45 25.22
N LYS A 188 8.50 -10.32 24.92
CA LYS A 188 7.81 -11.22 24.00
C LYS A 188 8.42 -11.32 22.62
N LEU A 189 8.80 -10.18 22.05
CA LEU A 189 9.41 -10.13 20.73
C LEU A 189 10.78 -10.79 20.74
N LYS A 190 11.57 -10.47 21.76
CA LYS A 190 12.91 -11.01 21.92
C LYS A 190 12.83 -12.52 21.92
N ALA A 191 11.92 -13.05 22.73
CA ALA A 191 11.69 -14.48 22.83
C ALA A 191 11.28 -15.01 21.45
N PHE A 192 10.28 -14.37 20.85
CA PHE A 192 9.85 -14.81 19.53
C PHE A 192 11.00 -14.84 18.52
N LEU A 193 11.68 -13.71 18.32
CA LEU A 193 12.76 -13.68 17.34
C LEU A 193 13.88 -14.69 17.56
N ALA A 194 14.00 -15.21 18.78
CA ALA A 194 15.02 -16.21 19.12
C ALA A 194 14.50 -17.63 18.91
N SER A 195 13.18 -17.78 18.91
CA SER A 195 12.52 -19.07 18.77
C SER A 195 12.78 -19.71 17.43
N PRO A 196 12.69 -21.05 17.37
CA PRO A 196 12.87 -21.88 16.17
C PRO A 196 11.83 -21.54 15.11
N GLU A 197 10.64 -21.24 15.60
CA GLU A 197 9.48 -20.86 14.78
C GLU A 197 9.82 -19.75 13.80
N TYR A 198 10.68 -18.82 14.25
CA TYR A 198 11.16 -17.68 13.46
C TYR A 198 12.54 -17.98 12.87
N VAL A 199 13.48 -18.26 13.76
CA VAL A 199 14.86 -18.53 13.39
C VAL A 199 15.10 -19.61 12.34
N ASN A 200 14.25 -20.64 12.32
CA ASN A 200 14.48 -21.73 11.39
C ASN A 200 13.73 -21.63 10.06
N LEU A 201 13.16 -20.46 9.81
CA LEU A 201 12.44 -20.20 8.56
C LEU A 201 13.33 -19.37 7.62
N PRO A 202 13.31 -19.66 6.32
CA PRO A 202 14.15 -18.85 5.44
C PRO A 202 13.47 -17.49 5.30
N ILE A 203 14.23 -16.45 4.99
CA ILE A 203 13.65 -15.11 4.83
C ILE A 203 12.84 -15.04 3.56
N ASN A 204 13.39 -15.58 2.47
CA ASN A 204 12.69 -15.55 1.19
C ASN A 204 12.53 -16.93 0.55
N GLY A 205 11.77 -16.97 -0.54
CA GLY A 205 11.53 -18.22 -1.23
C GLY A 205 12.73 -18.89 -1.87
N ASN A 206 13.42 -18.22 -2.79
CA ASN A 206 14.57 -18.82 -3.44
C ASN A 206 15.79 -19.02 -2.54
N GLY A 207 15.66 -18.73 -1.26
CA GLY A 207 16.82 -18.90 -0.39
C GLY A 207 17.85 -17.79 -0.51
N LYS A 208 17.54 -16.75 -1.29
CA LYS A 208 18.45 -15.63 -1.45
C LYS A 208 18.11 -14.64 -0.36
N GLN A 209 19.12 -14.10 0.30
CA GLN A 209 18.90 -13.14 1.38
C GLN A 209 20.01 -12.09 1.49
N PRO B 2 -8.44 24.35 3.53
CA PRO B 2 -7.59 23.60 4.49
C PRO B 2 -6.83 22.52 3.72
N TYR B 3 -7.30 22.26 2.50
CA TYR B 3 -6.68 21.22 1.69
C TYR B 3 -5.86 21.81 0.57
N THR B 4 -4.73 21.18 0.28
CA THR B 4 -3.86 21.60 -0.78
C THR B 4 -3.15 20.39 -1.34
N VAL B 5 -3.18 20.22 -2.66
CA VAL B 5 -2.48 19.10 -3.25
C VAL B 5 -1.40 19.67 -4.17
N VAL B 6 -0.19 19.16 -4.02
CA VAL B 6 0.96 19.59 -4.82
C VAL B 6 1.37 18.45 -5.72
N TYR B 7 1.19 18.61 -7.02
CA TYR B 7 1.52 17.54 -7.94
C TYR B 7 1.87 18.10 -9.30
N PHE B 8 2.32 17.23 -10.20
CA PHE B 8 2.66 17.61 -11.55
C PHE B 8 1.39 17.92 -12.32
N PRO B 9 1.50 18.56 -13.49
CA PRO B 9 0.27 18.85 -14.22
C PRO B 9 -0.29 17.63 -14.95
N VAL B 10 -0.62 16.59 -14.18
CA VAL B 10 -1.22 15.36 -14.72
C VAL B 10 -2.24 14.81 -13.72
N ARG B 11 -3.00 13.81 -14.13
CA ARG B 11 -3.99 13.21 -13.24
C ARG B 11 -3.28 12.20 -12.36
N GLY B 12 -2.65 11.22 -13.01
CA GLY B 12 -1.91 10.19 -12.32
C GLY B 12 -2.48 9.76 -10.98
N ARG B 13 -1.62 9.72 -9.96
CA ARG B 13 -2.01 9.32 -8.63
C ARG B 13 -2.80 10.35 -7.85
N CYS B 14 -3.23 11.42 -8.50
CA CYS B 14 -4.00 12.44 -7.81
C CYS B 14 -5.45 12.44 -8.28
N ALA B 15 -5.68 11.79 -9.41
CA ALA B 15 -7.00 11.72 -9.97
C ALA B 15 -8.05 11.25 -8.97
N ALA B 16 -7.78 10.12 -8.32
CA ALA B 16 -8.70 9.53 -7.36
C ALA B 16 -9.04 10.42 -6.17
N LEU B 17 -8.01 10.92 -5.49
CA LEU B 17 -8.24 11.78 -4.33
C LEU B 17 -8.98 13.05 -4.73
N ARG B 18 -8.80 13.48 -5.98
CA ARG B 18 -9.47 14.68 -6.47
C ARG B 18 -10.96 14.37 -6.67
N MET B 19 -11.25 13.18 -7.15
CA MET B 19 -12.63 12.74 -7.37
C MET B 19 -13.31 12.66 -6.02
N LEU B 20 -12.53 12.22 -5.02
CA LEU B 20 -13.02 12.08 -3.66
C LEU B 20 -13.45 13.41 -3.05
N LEU B 21 -12.60 14.42 -3.17
CA LEU B 21 -12.89 15.74 -2.61
C LEU B 21 -14.01 16.41 -3.38
N ALA B 22 -13.98 16.28 -4.70
CA ALA B 22 -15.03 16.85 -5.54
C ALA B 22 -16.36 16.27 -5.09
N ASP B 23 -16.52 14.96 -5.29
CA ASP B 23 -17.74 14.25 -4.94
C ASP B 23 -18.19 14.48 -3.52
N GLN B 24 -17.25 14.67 -2.61
CA GLN B 24 -17.63 14.89 -1.22
C GLN B 24 -18.00 16.34 -0.99
N GLY B 25 -17.76 17.15 -2.01
CA GLY B 25 -18.07 18.57 -1.94
C GLY B 25 -17.09 19.32 -1.07
N GLN B 26 -15.79 19.06 -1.23
CA GLN B 26 -14.75 19.72 -0.43
C GLN B 26 -13.92 20.71 -1.26
N SER B 27 -13.44 21.75 -0.60
CA SER B 27 -12.62 22.76 -1.27
C SER B 27 -11.15 22.46 -1.05
N TRP B 28 -10.35 22.65 -2.09
CA TRP B 28 -8.93 22.43 -2.01
C TRP B 28 -8.24 23.33 -3.01
N LYS B 29 -6.98 23.60 -2.75
CA LYS B 29 -6.22 24.45 -3.63
C LYS B 29 -5.21 23.56 -4.29
N GLU B 30 -4.91 23.84 -5.54
CA GLU B 30 -3.96 23.05 -6.28
C GLU B 30 -2.65 23.81 -6.45
N GLU B 31 -1.54 23.14 -6.24
CA GLU B 31 -0.25 23.77 -6.42
C GLU B 31 0.47 22.92 -7.44
N VAL B 32 0.48 23.39 -8.67
CA VAL B 32 1.12 22.71 -9.78
C VAL B 32 2.64 22.76 -9.66
N VAL B 33 3.30 21.65 -9.93
CA VAL B 33 4.75 21.61 -9.88
C VAL B 33 5.18 21.40 -11.31
N THR B 34 6.09 22.26 -11.77
CA THR B 34 6.57 22.22 -13.13
C THR B 34 7.86 21.44 -13.30
N VAL B 35 7.99 20.80 -14.46
CA VAL B 35 9.16 19.98 -14.74
C VAL B 35 10.48 20.70 -14.42
N GLU B 36 10.44 22.01 -14.20
CA GLU B 36 11.68 22.70 -13.89
C GLU B 36 11.83 22.84 -12.40
N THR B 37 10.79 23.34 -11.74
CA THR B 37 10.84 23.50 -10.29
C THR B 37 11.36 22.19 -9.69
N TRP B 38 10.67 21.08 -9.99
CA TRP B 38 11.08 19.77 -9.49
C TRP B 38 12.58 19.68 -9.69
N GLN B 39 12.96 19.63 -10.96
CA GLN B 39 14.37 19.53 -11.36
C GLN B 39 15.29 20.59 -10.77
N GLU B 40 14.73 21.57 -10.06
CA GLU B 40 15.56 22.59 -9.45
C GLU B 40 16.24 21.94 -8.23
N GLY B 41 15.65 20.82 -7.77
CA GLY B 41 16.19 20.09 -6.63
C GLY B 41 15.58 20.42 -5.27
N SER B 42 15.19 21.68 -5.08
CA SER B 42 14.61 22.09 -3.80
C SER B 42 13.37 21.30 -3.40
N LEU B 43 12.39 21.20 -4.28
CA LEU B 43 11.17 20.47 -3.95
C LEU B 43 11.52 19.03 -3.60
N LYS B 44 11.92 18.25 -4.60
CA LYS B 44 12.28 16.85 -4.36
C LYS B 44 12.98 16.69 -3.02
N ALA B 45 14.02 17.49 -2.83
CA ALA B 45 14.80 17.45 -1.60
C ALA B 45 13.96 17.55 -0.33
N SER B 46 12.85 18.31 -0.38
CA SER B 46 12.00 18.47 0.82
C SER B 46 10.97 17.37 0.97
N CYS B 47 10.69 16.66 -0.12
CA CYS B 47 9.71 15.58 -0.10
C CYS B 47 10.26 14.33 0.59
N LEU B 48 9.67 13.99 1.73
CA LEU B 48 10.09 12.84 2.53
C LEU B 48 10.71 11.73 1.71
N TYR B 49 10.01 11.30 0.66
CA TYR B 49 10.52 10.22 -0.19
C TYR B 49 10.99 10.79 -1.54
N GLY B 50 11.11 12.12 -1.60
CA GLY B 50 11.55 12.77 -2.82
C GLY B 50 10.55 12.58 -3.94
N GLN B 51 9.27 12.52 -3.56
CA GLN B 51 8.22 12.32 -4.55
C GLN B 51 6.93 13.04 -4.24
N LEU B 52 6.15 13.25 -5.29
CA LEU B 52 4.85 13.91 -5.19
C LEU B 52 3.85 12.80 -5.48
N PRO B 53 2.59 12.96 -5.07
CA PRO B 53 1.95 14.08 -4.38
C PRO B 53 2.34 14.38 -2.95
N LYS B 54 2.11 15.63 -2.58
CA LYS B 54 2.35 16.13 -1.24
C LYS B 54 0.98 16.72 -0.99
N PHE B 55 0.48 16.61 0.23
CA PHE B 55 -0.86 17.11 0.53
C PHE B 55 -0.79 17.82 1.85
N GLN B 56 -1.58 18.88 2.00
CA GLN B 56 -1.57 19.59 3.26
C GLN B 56 -2.96 19.75 3.84
N ASP B 57 -3.07 19.45 5.12
CA ASP B 57 -4.33 19.54 5.83
C ASP B 57 -4.02 20.34 7.08
N GLY B 58 -4.33 21.63 7.04
CA GLY B 58 -4.02 22.45 8.18
C GLY B 58 -2.54 22.29 8.50
N ASP B 59 -2.26 21.98 9.77
CA ASP B 59 -0.89 21.80 10.21
C ASP B 59 -0.32 20.43 9.83
N LEU B 60 -1.03 19.67 9.00
CA LEU B 60 -0.58 18.33 8.62
C LEU B 60 -0.14 18.22 7.16
N THR B 61 1.01 17.61 6.93
CA THR B 61 1.54 17.39 5.59
C THR B 61 1.69 15.89 5.37
N LEU B 62 1.14 15.42 4.25
CA LEU B 62 1.18 14.00 3.90
C LEU B 62 1.76 13.77 2.50
N TYR B 63 2.41 12.63 2.33
CA TYR B 63 2.99 12.22 1.06
C TYR B 63 2.37 10.84 0.79
N GLN B 64 2.49 10.34 -0.43
CA GLN B 64 1.94 9.04 -0.81
C GLN B 64 0.44 9.14 -1.00
N SER B 65 0.00 8.77 -2.20
CA SER B 65 -1.42 8.81 -2.58
C SER B 65 -2.36 8.06 -1.63
N ASN B 66 -1.99 6.83 -1.31
CA ASN B 66 -2.84 6.03 -0.45
C ASN B 66 -2.95 6.56 0.96
N THR B 67 -1.89 7.21 1.43
CA THR B 67 -1.91 7.78 2.77
C THR B 67 -2.91 8.93 2.77
N ILE B 68 -2.93 9.69 1.68
CA ILE B 68 -3.88 10.80 1.58
C ILE B 68 -5.29 10.24 1.44
N LEU B 69 -5.46 9.26 0.56
CA LEU B 69 -6.77 8.65 0.37
C LEU B 69 -7.32 8.12 1.69
N ARG B 70 -6.50 7.39 2.44
CA ARG B 70 -6.97 6.84 3.72
C ARG B 70 -7.28 7.96 4.69
N HIS B 71 -6.45 8.98 4.66
CA HIS B 71 -6.65 10.13 5.54
C HIS B 71 -8.01 10.78 5.28
N LEU B 72 -8.31 11.05 4.02
CA LEU B 72 -9.60 11.68 3.69
C LEU B 72 -10.73 10.73 4.10
N GLY B 73 -10.54 9.44 3.81
CA GLY B 73 -11.55 8.46 4.16
C GLY B 73 -11.80 8.42 5.66
N ARG B 74 -10.74 8.44 6.44
CA ARG B 74 -10.84 8.42 7.90
C ARG B 74 -11.50 9.69 8.44
N THR B 75 -11.12 10.84 7.89
CA THR B 75 -11.69 12.09 8.39
C THR B 75 -13.06 12.42 7.84
N LEU B 76 -13.30 12.06 6.57
CA LEU B 76 -14.59 12.36 5.95
C LEU B 76 -15.65 11.26 6.15
N GLY B 77 -15.25 10.13 6.72
CA GLY B 77 -16.18 9.05 6.97
C GLY B 77 -16.44 8.15 5.78
N LEU B 78 -15.39 7.83 5.03
CA LEU B 78 -15.52 6.96 3.86
C LEU B 78 -14.55 5.80 4.06
N TYR B 79 -14.71 5.11 5.19
CA TYR B 79 -13.84 3.99 5.54
C TYR B 79 -14.58 2.79 6.13
N GLY B 80 -15.77 2.50 5.61
CA GLY B 80 -16.54 1.39 6.13
C GLY B 80 -17.32 1.81 7.36
N LYS B 81 -18.33 1.02 7.74
CA LYS B 81 -19.13 1.37 8.89
C LYS B 81 -18.61 0.75 10.16
N ASP B 82 -17.64 -0.15 10.03
CA ASP B 82 -17.01 -0.78 11.19
C ASP B 82 -15.66 -1.35 10.82
N GLN B 83 -14.93 -1.83 11.81
CA GLN B 83 -13.60 -2.36 11.56
C GLN B 83 -13.56 -3.39 10.48
N GLN B 84 -14.60 -4.20 10.41
CA GLN B 84 -14.68 -5.26 9.41
C GLN B 84 -14.69 -4.73 7.99
N GLU B 85 -15.52 -3.72 7.76
CA GLU B 85 -15.62 -3.09 6.45
C GLU B 85 -14.34 -2.33 6.15
N ALA B 86 -13.75 -1.75 7.19
CA ALA B 86 -12.51 -1.02 7.05
C ALA B 86 -11.44 -1.92 6.48
N ALA B 87 -11.36 -3.13 7.01
CA ALA B 87 -10.38 -4.10 6.56
C ALA B 87 -10.59 -4.54 5.12
N LEU B 88 -11.84 -4.57 4.68
CA LEU B 88 -12.14 -4.99 3.32
C LEU B 88 -11.93 -3.83 2.38
N VAL B 89 -12.21 -2.62 2.86
CA VAL B 89 -11.99 -1.42 2.08
C VAL B 89 -10.49 -1.40 1.78
N ASP B 90 -9.70 -1.67 2.82
CA ASP B 90 -8.24 -1.72 2.72
C ASP B 90 -7.84 -2.73 1.67
N MET B 91 -8.31 -3.97 1.85
CA MET B 91 -8.00 -5.07 0.95
C MET B 91 -8.26 -4.68 -0.50
N VAL B 92 -9.34 -3.96 -0.75
CA VAL B 92 -9.64 -3.55 -2.11
C VAL B 92 -8.63 -2.52 -2.61
N ASN B 93 -8.26 -1.57 -1.76
CA ASN B 93 -7.29 -0.57 -2.17
C ASN B 93 -5.93 -1.15 -2.52
N ASP B 94 -5.44 -2.10 -1.73
CA ASP B 94 -4.16 -2.73 -2.01
C ASP B 94 -4.20 -3.40 -3.37
N GLY B 95 -5.31 -4.07 -3.67
CA GLY B 95 -5.44 -4.73 -4.95
C GLY B 95 -5.42 -3.71 -6.06
N VAL B 96 -6.17 -2.62 -5.86
CA VAL B 96 -6.23 -1.53 -6.83
C VAL B 96 -4.82 -1.01 -7.07
N GLU B 97 -4.12 -0.75 -5.97
CA GLU B 97 -2.76 -0.25 -6.01
C GLU B 97 -1.83 -1.22 -6.72
N ASP B 98 -2.12 -2.50 -6.58
CA ASP B 98 -1.31 -3.55 -7.20
C ASP B 98 -1.37 -3.45 -8.70
N LEU B 99 -2.57 -3.28 -9.22
CA LEU B 99 -2.76 -3.17 -10.65
C LEU B 99 -2.26 -1.82 -11.12
N ARG B 100 -2.49 -0.78 -10.33
CA ARG B 100 -2.02 0.56 -10.71
C ARG B 100 -0.52 0.50 -10.86
N CYS B 101 0.12 -0.20 -9.94
CA CYS B 101 1.55 -0.33 -9.98
C CYS B 101 2.05 -0.93 -11.28
N LYS B 102 1.37 -1.97 -11.77
CA LYS B 102 1.80 -2.59 -13.03
C LYS B 102 1.45 -1.72 -14.22
N TYR B 103 0.36 -0.99 -14.09
CA TYR B 103 -0.09 -0.10 -15.14
C TYR B 103 1.01 0.92 -15.38
N ILE B 104 1.41 1.57 -14.29
CA ILE B 104 2.45 2.59 -14.34
C ILE B 104 3.72 2.02 -14.95
N SER B 105 4.02 0.77 -14.67
CA SER B 105 5.21 0.13 -15.21
C SER B 105 5.08 -0.06 -16.71
N LEU B 106 3.87 -0.32 -17.18
CA LEU B 106 3.69 -0.48 -18.61
C LEU B 106 4.02 0.85 -19.26
N ILE B 107 3.26 1.86 -18.87
CA ILE B 107 3.35 3.22 -19.40
C ILE B 107 4.75 3.82 -19.45
N TYR B 108 5.48 3.77 -18.34
CA TYR B 108 6.82 4.35 -18.30
C TYR B 108 8.01 3.40 -18.54
N THR B 109 7.77 2.10 -18.67
CA THR B 109 8.86 1.14 -18.86
C THR B 109 8.94 0.45 -20.22
N ASN B 110 7.85 -0.16 -20.65
CA ASN B 110 7.84 -0.84 -21.94
C ASN B 110 6.42 -0.81 -22.46
N TYR B 111 5.99 0.37 -22.86
CA TYR B 111 4.65 0.54 -23.36
C TYR B 111 4.48 -0.17 -24.69
N GLU B 112 5.13 0.38 -25.70
CA GLU B 112 5.03 -0.15 -27.05
C GLU B 112 5.28 -1.65 -27.14
N ALA B 113 6.27 -2.15 -26.40
CA ALA B 113 6.62 -3.58 -26.45
C ALA B 113 5.85 -4.50 -25.51
N GLY B 114 5.21 -3.97 -24.48
CA GLY B 114 4.50 -4.83 -23.55
C GLY B 114 2.99 -4.63 -23.48
N LYS B 115 2.47 -3.73 -24.32
CA LYS B 115 1.05 -3.42 -24.32
C LYS B 115 0.16 -4.62 -24.59
N ASP B 116 0.51 -5.43 -25.59
CA ASP B 116 -0.29 -6.61 -25.97
C ASP B 116 -0.43 -7.62 -24.83
N ASP B 117 0.71 -8.03 -24.27
CA ASP B 117 0.71 -8.97 -23.17
C ASP B 117 -0.08 -8.40 -22.00
N TYR B 118 0.04 -7.09 -21.77
CA TYR B 118 -0.66 -6.48 -20.66
C TYR B 118 -2.16 -6.54 -20.83
N VAL B 119 -2.64 -6.23 -22.02
CA VAL B 119 -4.06 -6.24 -22.27
C VAL B 119 -4.56 -7.67 -22.22
N LYS B 120 -3.74 -8.58 -22.72
CA LYS B 120 -4.07 -10.00 -22.71
C LYS B 120 -4.28 -10.44 -21.27
N ALA B 121 -3.41 -9.97 -20.38
CA ALA B 121 -3.48 -10.33 -18.97
C ALA B 121 -4.46 -9.50 -18.15
N LEU B 122 -5.05 -8.49 -18.77
CA LEU B 122 -5.98 -7.63 -18.06
C LEU B 122 -7.21 -8.33 -17.44
N PRO B 123 -7.94 -9.13 -18.24
CA PRO B 123 -9.12 -9.79 -17.68
C PRO B 123 -8.76 -10.48 -16.38
N GLY B 124 -7.69 -11.25 -16.42
CA GLY B 124 -7.26 -11.95 -15.23
C GLY B 124 -7.12 -11.01 -14.05
N GLN B 125 -6.84 -9.74 -14.35
CA GLN B 125 -6.65 -8.75 -13.31
C GLN B 125 -7.93 -8.07 -12.87
N LEU B 126 -8.91 -7.97 -13.76
CA LEU B 126 -10.16 -7.31 -13.41
C LEU B 126 -11.16 -8.23 -12.72
N LYS B 127 -11.03 -9.53 -12.94
CA LYS B 127 -11.92 -10.50 -12.33
C LYS B 127 -12.14 -10.38 -10.84
N PRO B 128 -11.06 -10.29 -10.04
CA PRO B 128 -11.26 -10.19 -8.60
C PRO B 128 -12.20 -9.10 -8.13
N PHE B 129 -12.21 -7.98 -8.82
CA PHE B 129 -13.08 -6.87 -8.42
C PHE B 129 -14.52 -7.11 -8.85
N GLU B 130 -14.70 -7.82 -9.96
CA GLU B 130 -16.03 -8.14 -10.42
C GLU B 130 -16.61 -9.11 -9.39
N THR B 131 -15.78 -10.09 -9.00
CA THR B 131 -16.15 -11.09 -8.03
C THR B 131 -16.51 -10.43 -6.70
N LEU B 132 -15.70 -9.47 -6.27
CA LEU B 132 -15.97 -8.77 -5.01
C LEU B 132 -17.31 -8.07 -5.08
N LEU B 133 -17.60 -7.50 -6.24
CA LEU B 133 -18.85 -6.79 -6.47
C LEU B 133 -20.06 -7.74 -6.38
N SER B 134 -19.98 -8.89 -7.04
CA SER B 134 -21.09 -9.84 -6.99
C SER B 134 -21.44 -10.30 -5.59
N GLN B 135 -20.46 -10.28 -4.69
CA GLN B 135 -20.66 -10.70 -3.31
C GLN B 135 -21.21 -9.61 -2.39
N ASN B 136 -21.43 -8.41 -2.92
CA ASN B 136 -21.98 -7.33 -2.11
C ASN B 136 -23.25 -6.89 -2.81
N GLN B 137 -24.39 -7.10 -2.17
CA GLN B 137 -25.67 -6.77 -2.75
C GLN B 137 -25.71 -6.87 -4.27
N GLY B 138 -25.12 -7.94 -4.79
CA GLY B 138 -25.11 -8.15 -6.23
C GLY B 138 -24.49 -7.06 -7.07
N GLY B 139 -23.46 -6.39 -6.54
CA GLY B 139 -22.78 -5.33 -7.27
C GLY B 139 -23.70 -4.18 -7.62
N LYS B 140 -24.62 -3.87 -6.71
CA LYS B 140 -25.60 -2.82 -6.90
C LYS B 140 -25.30 -1.52 -6.18
N THR B 141 -24.46 -1.57 -5.14
CA THR B 141 -24.12 -0.36 -4.40
C THR B 141 -22.66 0.06 -4.61
N PHE B 142 -21.81 -0.28 -3.64
CA PHE B 142 -20.40 0.07 -3.70
C PHE B 142 -19.52 -1.17 -3.58
N ILE B 143 -18.21 -0.98 -3.61
CA ILE B 143 -17.31 -2.13 -3.54
C ILE B 143 -17.24 -2.79 -2.15
N VAL B 144 -17.68 -2.08 -1.10
CA VAL B 144 -17.70 -2.63 0.25
C VAL B 144 -18.78 -1.90 1.02
N GLY B 145 -19.66 -2.66 1.66
CA GLY B 145 -20.74 -2.04 2.42
C GLY B 145 -21.74 -1.35 1.53
N ASP B 146 -22.67 -0.62 2.13
CA ASP B 146 -23.67 0.08 1.33
C ASP B 146 -23.44 1.59 1.32
N GLN B 147 -22.23 2.01 1.66
CA GLN B 147 -21.87 3.41 1.65
C GLN B 147 -20.52 3.50 0.92
N ILE B 148 -20.29 4.60 0.21
CA ILE B 148 -19.06 4.79 -0.56
C ILE B 148 -17.82 4.88 0.33
N SER B 149 -16.68 4.49 -0.22
CA SER B 149 -15.44 4.54 0.53
C SER B 149 -14.32 5.00 -0.40
N PHE B 150 -13.21 5.44 0.18
CA PHE B 150 -12.09 5.90 -0.65
C PHE B 150 -11.65 4.87 -1.68
N ALA B 151 -11.87 3.59 -1.39
CA ALA B 151 -11.47 2.55 -2.35
C ALA B 151 -12.32 2.61 -3.60
N ASP B 152 -13.54 3.12 -3.45
CA ASP B 152 -14.45 3.28 -4.58
C ASP B 152 -13.87 4.25 -5.58
N TYR B 153 -13.46 5.40 -5.07
CA TYR B 153 -12.90 6.44 -5.93
C TYR B 153 -11.62 5.91 -6.58
N ASN B 154 -10.79 5.23 -5.81
CA ASN B 154 -9.55 4.72 -6.38
C ASN B 154 -9.79 3.61 -7.41
N LEU B 155 -10.82 2.80 -7.22
CA LEU B 155 -11.10 1.75 -8.20
C LEU B 155 -11.71 2.37 -9.45
N LEU B 156 -12.65 3.28 -9.26
CA LEU B 156 -13.29 3.97 -10.38
C LEU B 156 -12.26 4.57 -11.30
N ASP B 157 -11.22 5.16 -10.72
CA ASP B 157 -10.14 5.74 -11.52
C ASP B 157 -9.42 4.67 -12.29
N LEU B 158 -9.02 3.62 -11.59
CA LEU B 158 -8.29 2.51 -12.19
C LEU B 158 -9.05 1.94 -13.37
N LEU B 159 -10.35 1.77 -13.20
CA LEU B 159 -11.18 1.25 -14.26
C LEU B 159 -11.17 2.23 -15.42
N LEU B 160 -11.52 3.47 -15.11
CA LEU B 160 -11.54 4.54 -16.10
C LEU B 160 -10.27 4.61 -16.96
N ILE B 161 -9.10 4.59 -16.34
CA ILE B 161 -7.86 4.69 -17.12
C ILE B 161 -7.53 3.47 -17.93
N HIS B 162 -8.13 2.33 -17.56
CA HIS B 162 -7.84 1.13 -18.32
C HIS B 162 -8.74 1.08 -19.54
N GLU B 163 -9.94 1.66 -19.45
CA GLU B 163 -10.82 1.68 -20.62
C GLU B 163 -10.17 2.54 -21.69
N VAL B 164 -9.32 3.47 -21.28
CA VAL B 164 -8.65 4.30 -22.27
C VAL B 164 -7.46 3.52 -22.81
N LEU B 165 -6.90 2.64 -22.00
CA LEU B 165 -5.75 1.85 -22.42
C LEU B 165 -6.16 0.68 -23.31
N ALA B 166 -7.27 0.05 -22.94
CA ALA B 166 -7.81 -1.10 -23.68
C ALA B 166 -9.33 -0.95 -23.73
N PRO B 167 -9.83 -0.04 -24.58
CA PRO B 167 -11.27 0.17 -24.69
C PRO B 167 -12.04 -1.16 -24.74
N GLY B 168 -13.22 -1.18 -24.13
CA GLY B 168 -14.04 -2.37 -24.14
C GLY B 168 -13.64 -3.43 -23.13
N CYS B 169 -12.46 -3.27 -22.54
CA CYS B 169 -11.95 -4.21 -21.55
C CYS B 169 -12.92 -4.42 -20.40
N LEU B 170 -14.01 -3.65 -20.39
CA LEU B 170 -14.99 -3.78 -19.34
C LEU B 170 -16.29 -4.40 -19.85
N ASP B 171 -16.28 -4.87 -21.09
CA ASP B 171 -17.47 -5.47 -21.69
C ASP B 171 -17.87 -6.81 -21.02
N ALA B 172 -16.87 -7.61 -20.68
CA ALA B 172 -17.09 -8.93 -20.07
C ALA B 172 -17.27 -8.90 -18.57
N PHE B 173 -17.36 -7.71 -17.98
CA PHE B 173 -17.54 -7.59 -16.55
C PHE B 173 -18.63 -6.58 -16.31
N PRO B 174 -19.89 -6.99 -16.53
CA PRO B 174 -21.14 -6.23 -16.40
C PRO B 174 -21.35 -5.54 -15.07
N LEU B 175 -20.76 -6.06 -14.01
CA LEU B 175 -20.93 -5.45 -12.70
C LEU B 175 -19.98 -4.26 -12.59
N LEU B 176 -18.77 -4.41 -13.13
CA LEU B 176 -17.79 -3.34 -13.11
C LEU B 176 -18.31 -2.22 -14.00
N SER B 177 -18.82 -2.59 -15.17
CA SER B 177 -19.35 -1.66 -16.14
C SER B 177 -20.45 -0.81 -15.54
N ALA B 178 -21.41 -1.46 -14.90
CA ALA B 178 -22.52 -0.74 -14.30
C ALA B 178 -22.05 0.13 -13.15
N TYR B 179 -21.00 -0.33 -12.47
CA TYR B 179 -20.42 0.36 -11.33
C TYR B 179 -19.78 1.67 -11.81
N VAL B 180 -19.08 1.59 -12.94
CA VAL B 180 -18.44 2.76 -13.49
C VAL B 180 -19.47 3.79 -13.91
N GLY B 181 -20.56 3.32 -14.50
CA GLY B 181 -21.60 4.25 -14.95
C GLY B 181 -22.39 4.83 -13.82
N ARG B 182 -22.61 4.05 -12.77
CA ARG B 182 -23.38 4.51 -11.63
C ARG B 182 -22.65 5.58 -10.85
N LEU B 183 -21.37 5.34 -10.58
CA LEU B 183 -20.57 6.31 -9.81
C LEU B 183 -20.28 7.55 -10.66
N SER B 184 -19.95 7.34 -11.93
CA SER B 184 -19.64 8.41 -12.85
C SER B 184 -20.80 9.39 -13.01
N ALA B 185 -21.99 8.96 -12.59
CA ALA B 185 -23.19 9.77 -12.73
C ALA B 185 -23.52 10.58 -11.48
N ARG B 186 -22.72 10.42 -10.43
CA ARG B 186 -22.98 11.17 -9.22
C ARG B 186 -22.82 12.66 -9.55
N PRO B 187 -23.86 13.46 -9.25
CA PRO B 187 -23.87 14.91 -9.51
C PRO B 187 -22.51 15.60 -9.51
N LYS B 188 -21.93 15.77 -8.32
CA LYS B 188 -20.65 16.44 -8.17
C LYS B 188 -19.51 15.81 -8.94
N LEU B 189 -19.44 14.48 -8.92
CA LEU B 189 -18.39 13.76 -9.64
C LEU B 189 -18.55 13.92 -11.14
N LYS B 190 -19.78 13.77 -11.61
CA LYS B 190 -20.10 13.89 -13.02
C LYS B 190 -19.61 15.25 -13.52
N ALA B 191 -19.98 16.28 -12.77
CA ALA B 191 -19.60 17.66 -13.09
C ALA B 191 -18.08 17.72 -13.10
N PHE B 192 -17.44 17.24 -12.03
CA PHE B 192 -16.00 17.27 -11.98
C PHE B 192 -15.35 16.58 -13.19
N LEU B 193 -15.70 15.33 -13.43
CA LEU B 193 -15.07 14.60 -14.54
C LEU B 193 -15.27 15.23 -15.91
N ALA B 194 -16.25 16.09 -16.03
CA ALA B 194 -16.50 16.75 -17.31
C ALA B 194 -15.79 18.10 -17.38
N SER B 195 -15.41 18.61 -16.23
CA SER B 195 -14.73 19.89 -16.12
C SER B 195 -13.36 19.88 -16.79
N PRO B 196 -12.87 21.08 -17.20
CA PRO B 196 -11.56 21.29 -17.86
C PRO B 196 -10.42 20.90 -16.93
N GLU B 197 -10.60 21.20 -15.65
CA GLU B 197 -9.64 20.89 -14.58
C GLU B 197 -9.21 19.42 -14.66
N TYR B 198 -10.16 18.54 -14.98
CA TYR B 198 -9.92 17.10 -15.11
C TYR B 198 -9.65 16.74 -16.56
N VAL B 199 -10.62 17.03 -17.40
CA VAL B 199 -10.55 16.72 -18.83
C VAL B 199 -9.35 17.23 -19.58
N ASN B 200 -8.79 18.37 -19.20
CA ASN B 200 -7.66 18.88 -19.94
C ASN B 200 -6.28 18.55 -19.40
N LEU B 201 -6.22 17.58 -18.49
CA LEU B 201 -4.97 17.14 -17.89
C LEU B 201 -4.59 15.81 -18.52
N PRO B 202 -3.29 15.58 -18.75
CA PRO B 202 -2.92 14.28 -19.33
C PRO B 202 -3.03 13.23 -18.22
N ILE B 203 -3.26 11.97 -18.57
CA ILE B 203 -3.37 10.93 -17.55
C ILE B 203 -2.01 10.64 -16.95
N ASN B 204 -1.00 10.52 -17.81
CA ASN B 204 0.35 10.21 -17.37
C ASN B 204 1.37 11.26 -17.80
N GLY B 205 2.58 11.10 -17.28
CA GLY B 205 3.66 12.02 -17.59
C GLY B 205 4.14 12.02 -19.03
N ASN B 206 4.58 10.88 -19.53
CA ASN B 206 5.08 10.80 -20.89
C ASN B 206 4.02 10.92 -21.99
N GLY B 207 2.79 11.21 -21.60
CA GLY B 207 1.73 11.33 -22.59
C GLY B 207 1.24 10.00 -23.13
N LYS B 208 1.74 8.89 -22.58
CA LYS B 208 1.29 7.57 -23.02
C LYS B 208 0.08 7.21 -22.18
N GLN B 209 -0.95 6.66 -22.81
CA GLN B 209 -2.16 6.29 -22.09
C GLN B 209 -2.86 5.09 -22.69
O1 MES C . 2.58 -21.41 15.75
C2 MES C . 2.81 -22.17 16.98
C3 MES C . 3.14 -21.24 18.17
N4 MES C . 2.98 -19.74 17.76
C5 MES C . 1.68 -19.43 16.97
C6 MES C . 1.51 -20.41 15.78
C7 MES C . 3.12 -18.82 18.98
C8 MES C . 4.43 -18.02 18.99
S MES C . 4.48 -16.97 20.41
O1S MES C . 4.53 -15.45 19.99
O2S MES C . 5.74 -17.30 21.32
O3S MES C . 3.09 -17.14 21.33
C1 CBD D . 6.27 -11.19 -4.39
SA CBD D . 5.58 -9.58 -4.46
O1A CBD D . 6.29 -8.66 -3.47
O2A CBD D . 4.17 -9.90 -4.06
O3A CBD D . 5.95 -9.11 -5.89
C2 CBD D . 6.21 -11.87 -3.17
N2 CBD D . 5.58 -11.13 -1.97
C3 CBD D . 6.73 -13.18 -3.09
C4 CBD D . 6.70 -13.95 -1.84
O4 CBD D . 6.19 -13.37 -0.83
C5 CBD D . 7.20 -15.33 -1.68
C6 CBD D . 7.15 -16.05 -0.43
C7 CBD D . 7.65 -17.37 -0.37
C8 CBD D . 8.20 -17.99 -1.51
C9 CBD D . 8.27 -17.30 -2.75
C10 CBD D . 7.76 -15.98 -2.84
C11 CBD D . 7.80 -15.20 -4.09
O11 CBD D . 8.28 -15.76 -5.10
C12 CBD D . 7.29 -13.80 -4.28
C13 CBD D . 7.34 -13.06 -5.53
C14 CBD D . 6.81 -11.74 -5.60
NB CBD D . 7.91 -13.62 -6.77
O1 MES E . -8.69 23.88 -8.45
C2 MES E . -9.64 24.95 -8.77
C3 MES E . -11.08 24.44 -8.61
N4 MES E . -11.09 23.03 -7.94
C5 MES E . -10.16 22.95 -6.69
C6 MES E . -8.73 23.34 -7.08
C7 MES E . -12.53 22.62 -7.54
C8 MES E . -13.12 21.53 -8.43
S MES E . -14.75 21.12 -7.84
O1S MES E . -14.76 19.64 -7.29
O2S MES E . -15.82 21.26 -9.02
O3S MES E . -15.21 22.09 -6.55
C1 CBD F . 5.90 6.35 -10.49
SA CBD F . 5.71 5.13 -9.26
O1A CBD F . 4.31 4.51 -9.40
O2A CBD F . 5.83 5.96 -8.02
O3A CBD F . 6.75 4.09 -9.69
C2 CBD F . 4.98 7.40 -10.53
N2 CBD F . 3.86 7.39 -9.48
C3 CBD F . 5.13 8.42 -11.51
C4 CBD F . 4.22 9.57 -11.58
O4 CBD F . 3.26 9.59 -10.74
C5 CBD F . 4.33 10.68 -12.56
C6 CBD F . 3.43 11.79 -12.62
C7 CBD F . 3.62 12.81 -13.57
C8 CBD F . 4.69 12.75 -14.49
C9 CBD F . 5.60 11.65 -14.47
C10 CBD F . 5.43 10.62 -13.50
C11 CBD F . 6.33 9.47 -13.41
O11 CBD F . 7.26 9.41 -14.22
C12 CBD F . 6.25 8.34 -12.45
C13 CBD F . 7.19 7.24 -12.40
C14 CBD F . 7.01 6.21 -11.41
NB CBD F . 8.34 7.12 -13.35
#